data_7EMV
#
_entry.id   7EMV
#
_cell.length_a   84.347
_cell.length_b   84.347
_cell.length_c   45.735
_cell.angle_alpha   90.000
_cell.angle_beta   90.000
_cell.angle_gamma   90.000
#
_symmetry.space_group_name_H-M   'P 43 21 2'
#
loop_
_entity.id
_entity.type
_entity.pdbx_description
1 polymer 'Heme acquisition protein HasAp'
2 non-polymer '5,10,15-Triphenylporphyrin cpntaining FE'
3 non-polymer IMIDAZOLE
4 non-polymer GLYCEROL
5 water water
#
_entity_poly.entity_id   1
_entity_poly.type   'polypeptide(L)'
_entity_poly.pdbx_seq_one_letter_code
;MSISISYSTTYSGWTVADYLADWSAYFGDVNHRPGQGVDGSNTGGFNPGPFDGSQYALKSTASDAAFIAGGDLHYTLFSN
PSHTLWGKLDSIALGDTLTGGASSGGYALDSQEVSFSNLGLDSPIAQGRDGTVHKVVYGLMSGDSSALQGQIDALLKAVD
PSLSINSTFDQLAAAGVAHATPA
;
_entity_poly.pdbx_strand_id   A
#
# COMPACT_ATOMS: atom_id res chain seq x y z
N MET A 1 14.10 -2.34 -12.13
CA MET A 1 14.45 -3.41 -11.12
C MET A 1 13.25 -4.07 -10.49
N SER A 2 13.45 -5.32 -10.14
N SER A 2 13.45 -5.31 -10.11
CA SER A 2 12.50 -6.28 -9.57
CA SER A 2 12.45 -6.27 -9.63
C SER A 2 11.92 -5.78 -8.24
C SER A 2 11.94 -5.85 -8.24
N ILE A 3 10.65 -6.11 -8.05
CA ILE A 3 9.95 -6.01 -6.75
C ILE A 3 10.87 -6.49 -5.63
N SER A 4 10.82 -5.76 -4.51
CA SER A 4 11.56 -6.13 -3.29
C SER A 4 10.54 -6.08 -2.16
N ILE A 5 10.64 -7.04 -1.26
CA ILE A 5 9.70 -7.15 -0.12
C ILE A 5 10.52 -7.23 1.16
N SER A 6 10.13 -6.44 2.12
N SER A 6 10.11 -6.51 2.17
CA SER A 6 10.63 -6.51 3.50
CA SER A 6 10.72 -6.53 3.52
C SER A 6 9.47 -7.05 4.37
C SER A 6 9.63 -6.88 4.53
N TYR A 7 9.81 -7.93 5.30
CA TYR A 7 8.78 -8.46 6.21
C TYR A 7 9.36 -8.72 7.59
N SER A 8 8.53 -8.46 8.61
CA SER A 8 8.85 -8.90 9.98
C SER A 8 8.86 -10.43 10.05
N THR A 9 9.79 -10.99 10.80
CA THR A 9 9.89 -12.45 10.98
C THR A 9 8.63 -13.02 11.58
N THR A 10 7.80 -12.20 12.23
CA THR A 10 6.50 -12.63 12.74
C THR A 10 5.71 -13.29 11.63
N TYR A 11 5.83 -12.83 10.37
CA TYR A 11 5.02 -13.28 9.22
C TYR A 11 5.79 -14.18 8.23
N SER A 12 6.95 -14.70 8.65
N SER A 12 6.97 -14.68 8.59
CA SER A 12 7.80 -15.62 7.83
CA SER A 12 7.78 -15.56 7.71
C SER A 12 6.94 -16.67 7.10
C SER A 12 6.92 -16.66 7.06
N GLY A 13 6.09 -17.37 7.85
CA GLY A 13 5.33 -18.52 7.35
C GLY A 13 3.99 -18.19 6.71
N TRP A 14 3.62 -16.93 6.60
CA TRP A 14 2.37 -16.53 5.92
C TRP A 14 2.57 -16.47 4.40
N THR A 15 1.53 -16.73 3.64
CA THR A 15 1.47 -16.39 2.21
C THR A 15 1.18 -14.89 2.10
N VAL A 16 1.69 -14.30 1.06
CA VAL A 16 1.45 -12.87 0.77
C VAL A 16 -0.07 -12.63 0.69
N ALA A 17 -0.82 -13.50 -0.01
CA ALA A 17 -2.28 -13.35 -0.17
C ALA A 17 -2.96 -13.38 1.19
N ASP A 18 -2.60 -14.33 2.07
CA ASP A 18 -3.25 -14.45 3.39
C ASP A 18 -2.92 -13.22 4.24
N TYR A 19 -1.68 -12.75 4.15
CA TYR A 19 -1.27 -11.58 4.91
C TYR A 19 -2.09 -10.37 4.44
N LEU A 20 -2.18 -10.12 3.14
CA LEU A 20 -2.88 -8.92 2.59
C LEU A 20 -4.38 -8.97 2.86
N ALA A 21 -5.00 -10.13 2.75
CA ALA A 21 -6.44 -10.30 3.07
C ALA A 21 -6.67 -10.00 4.56
N ASP A 22 -5.84 -10.54 5.44
CA ASP A 22 -5.95 -10.35 6.90
C ASP A 22 -5.66 -8.89 7.28
N TRP A 23 -4.59 -8.31 6.77
CA TRP A 23 -4.25 -6.92 7.10
C TRP A 23 -5.41 -6.00 6.65
N SER A 24 -5.90 -6.21 5.44
N SER A 24 -5.93 -6.19 5.42
CA SER A 24 -6.98 -5.36 4.88
CA SER A 24 -6.99 -5.33 4.86
C SER A 24 -8.26 -5.50 5.72
C SER A 24 -8.30 -5.49 5.68
N ALA A 25 -8.59 -6.69 6.19
CA ALA A 25 -9.74 -6.88 7.09
C ALA A 25 -9.53 -6.12 8.42
N TYR A 26 -8.31 -6.11 8.93
CA TYR A 26 -7.91 -5.46 10.20
C TYR A 26 -7.99 -3.92 10.03
N PHE A 27 -7.46 -3.41 8.93
CA PHE A 27 -7.58 -1.98 8.58
C PHE A 27 -9.05 -1.62 8.34
N GLY A 28 -9.76 -2.47 7.61
CA GLY A 28 -11.17 -2.27 7.37
C GLY A 28 -11.38 -1.21 6.29
N ASP A 29 -12.50 -0.57 6.33
CA ASP A 29 -12.99 0.38 5.32
C ASP A 29 -13.18 1.72 5.98
N VAL A 30 -12.48 2.75 5.50
CA VAL A 30 -12.65 4.06 6.17
C VAL A 30 -13.89 4.79 5.63
N ASN A 31 -14.58 4.27 4.62
CA ASN A 31 -15.84 4.86 4.12
C ASN A 31 -15.55 6.23 3.48
N HIS A 32 -14.46 6.34 2.74
CA HIS A 32 -14.11 7.54 1.97
C HIS A 32 -14.74 7.40 0.60
N ARG A 33 -15.96 7.88 0.45
N ARG A 33 -16.01 7.78 0.49
CA ARG A 33 -16.68 7.76 -0.84
CA ARG A 33 -16.76 7.66 -0.78
C ARG A 33 -17.96 8.56 -0.78
C ARG A 33 -17.88 8.68 -0.79
N PRO A 34 -18.51 8.88 -1.96
CA PRO A 34 -19.66 9.78 -2.04
C PRO A 34 -20.79 9.24 -1.18
N GLY A 35 -21.45 10.18 -0.52
CA GLY A 35 -22.65 9.89 0.26
C GLY A 35 -22.32 9.43 1.66
N GLN A 36 -21.05 9.43 2.02
CA GLN A 36 -20.58 9.09 3.37
C GLN A 36 -19.94 10.33 3.98
N GLY A 37 -19.73 10.32 5.30
CA GLY A 37 -19.05 11.43 5.95
C GLY A 37 -17.60 11.38 5.56
N VAL A 38 -17.07 12.44 4.95
CA VAL A 38 -15.58 12.50 4.83
C VAL A 38 -15.05 13.73 5.58
N ASP A 39 -14.13 13.49 6.50
CA ASP A 39 -13.59 14.54 7.39
C ASP A 39 -12.15 14.17 7.72
N GLY A 40 -11.52 14.87 8.64
CA GLY A 40 -10.11 14.62 8.91
C GLY A 40 -9.84 13.23 9.45
N SER A 41 -10.89 12.46 9.84
CA SER A 41 -10.70 11.07 10.33
C SER A 41 -10.50 10.08 9.19
N ASN A 42 -10.85 10.44 7.95
CA ASN A 42 -10.76 9.45 6.88
C ASN A 42 -10.26 10.04 5.56
N THR A 43 -9.60 11.18 5.52
CA THR A 43 -9.01 11.70 4.28
C THR A 43 -7.64 11.12 4.04
N GLY A 44 -6.91 10.86 5.10
CA GLY A 44 -5.46 10.62 5.05
C GLY A 44 -4.70 11.93 4.84
N GLY A 45 -3.44 11.85 4.45
CA GLY A 45 -2.65 13.05 4.15
C GLY A 45 -1.49 12.77 3.23
N PHE A 46 -1.01 13.84 2.61
CA PHE A 46 0.19 13.80 1.74
C PHE A 46 1.36 14.47 2.42
N ASN A 47 2.55 13.96 2.05
CA ASN A 47 3.81 14.59 2.40
C ASN A 47 4.48 14.98 1.09
N PRO A 48 4.68 16.27 0.77
CA PRO A 48 4.36 17.39 1.63
C PRO A 48 2.90 17.86 1.62
N GLY A 49 2.12 17.49 0.61
CA GLY A 49 0.74 18.00 0.49
C GLY A 49 0.72 19.43 -0.05
N PRO A 50 -0.51 20.02 -0.15
CA PRO A 50 -1.76 19.40 0.31
C PRO A 50 -2.36 18.28 -0.52
N PHE A 51 -2.11 18.27 -1.83
CA PHE A 51 -2.79 17.35 -2.75
C PHE A 51 -1.80 16.48 -3.51
N ASP A 52 -0.53 16.58 -3.19
CA ASP A 52 0.55 15.87 -3.92
C ASP A 52 1.62 15.49 -2.93
N GLY A 53 2.37 14.44 -3.22
CA GLY A 53 3.52 14.14 -2.38
C GLY A 53 4.30 12.91 -2.81
N SER A 54 5.41 12.72 -2.15
CA SER A 54 6.20 11.51 -2.18
C SER A 54 5.58 10.44 -1.29
N GLN A 55 4.64 10.80 -0.42
CA GLN A 55 3.90 9.82 0.40
C GLN A 55 2.44 10.23 0.48
N TYR A 56 1.57 9.24 0.51
CA TYR A 56 0.16 9.36 0.94
C TYR A 56 -0.02 8.35 2.05
N ALA A 57 -0.55 8.77 3.20
CA ALA A 57 -0.70 7.90 4.37
C ALA A 57 -2.10 8.02 4.92
N LEU A 58 -2.55 6.90 5.48
CA LEU A 58 -3.92 6.86 6.05
C LEU A 58 -3.90 5.89 7.22
N LYS A 59 -4.52 6.30 8.32
N LYS A 59 -4.55 6.33 8.30
CA LYS A 59 -4.80 5.39 9.47
CA LYS A 59 -4.95 5.54 9.50
C LYS A 59 -6.25 4.91 9.44
C LYS A 59 -6.31 4.88 9.29
N SER A 60 -6.42 3.64 9.78
CA SER A 60 -7.72 2.97 9.94
C SER A 60 -8.60 3.73 10.94
N THR A 61 -9.90 3.68 10.73
CA THR A 61 -10.85 4.17 11.71
C THR A 61 -11.40 3.00 12.56
N ALA A 62 -10.92 1.79 12.33
CA ALA A 62 -11.40 0.55 12.99
C ALA A 62 -10.35 -0.08 13.89
N SER A 63 -9.09 0.32 13.78
CA SER A 63 -7.95 -0.32 14.47
C SER A 63 -6.75 0.63 14.41
N ASP A 64 -5.59 0.22 14.94
CA ASP A 64 -4.33 0.99 14.89
C ASP A 64 -3.64 0.79 13.52
N ALA A 65 -4.23 0.05 12.59
CA ALA A 65 -3.60 -0.25 11.28
C ALA A 65 -3.41 1.08 10.49
N ALA A 66 -2.33 1.13 9.71
CA ALA A 66 -2.13 2.26 8.78
C ALA A 66 -1.31 1.77 7.60
N PHE A 67 -1.37 2.53 6.51
CA PHE A 67 -0.46 2.28 5.40
C PHE A 67 0.13 3.60 4.92
N ILE A 68 1.26 3.42 4.22
CA ILE A 68 1.97 4.52 3.54
C ILE A 68 2.25 4.09 2.11
N ALA A 69 1.72 4.86 1.18
CA ALA A 69 2.01 4.74 -0.27
C ALA A 69 3.14 5.70 -0.59
N GLY A 70 4.18 5.20 -1.26
CA GLY A 70 5.35 6.01 -1.59
C GLY A 70 5.56 6.09 -3.09
N GLY A 71 6.00 7.23 -3.57
CA GLY A 71 6.33 7.45 -4.97
C GLY A 71 6.30 8.91 -5.35
N ASP A 72 5.48 9.24 -6.33
CA ASP A 72 5.29 10.64 -6.81
C ASP A 72 3.79 10.71 -7.15
N LEU A 73 2.99 11.01 -6.13
CA LEU A 73 1.54 10.82 -6.12
C LEU A 73 0.84 12.19 -6.17
N HIS A 74 -0.33 12.16 -6.77
CA HIS A 74 -1.16 13.36 -7.04
C HIS A 74 -2.64 13.03 -6.85
N TYR A 75 -3.38 13.97 -6.29
CA TYR A 75 -4.83 13.84 -6.14
C TYR A 75 -5.53 15.00 -6.85
N THR A 76 -6.52 14.67 -7.66
CA THR A 76 -7.18 15.68 -8.52
C THR A 76 -8.24 16.49 -7.75
N LEU A 77 -8.72 15.97 -6.62
CA LEU A 77 -9.86 16.57 -5.89
C LEU A 77 -11.02 16.78 -6.87
N PHE A 78 -11.47 18.00 -7.15
CA PHE A 78 -12.65 18.18 -8.03
C PHE A 78 -12.28 18.20 -9.51
N SER A 79 -10.98 18.36 -9.84
CA SER A 79 -10.52 18.56 -11.21
C SER A 79 -10.65 17.28 -12.05
N ASN A 80 -11.10 17.45 -13.27
CA ASN A 80 -11.27 16.39 -14.27
C ASN A 80 -9.96 15.62 -14.43
N PRO A 81 -9.93 14.30 -14.23
CA PRO A 81 -11.04 13.45 -13.78
C PRO A 81 -11.11 13.48 -12.24
N SER A 82 -12.27 13.86 -11.71
N SER A 82 -12.33 13.69 -11.72
CA SER A 82 -12.40 14.14 -10.27
CA SER A 82 -12.54 14.02 -10.29
C SER A 82 -11.95 12.93 -9.44
C SER A 82 -12.07 12.88 -9.39
N HIS A 83 -11.45 13.24 -8.26
CA HIS A 83 -11.16 12.30 -7.14
C HIS A 83 -10.29 11.12 -7.64
N THR A 84 -9.28 11.46 -8.43
CA THR A 84 -8.28 10.49 -8.95
C THR A 84 -6.95 10.62 -8.21
N LEU A 85 -6.47 9.50 -7.69
CA LEU A 85 -5.08 9.41 -7.16
C LEU A 85 -4.23 8.77 -8.26
N TRP A 86 -3.26 9.50 -8.75
CA TRP A 86 -2.44 9.03 -9.90
C TRP A 86 -0.98 9.36 -9.69
N GLY A 87 -0.14 8.94 -10.65
CA GLY A 87 1.30 9.19 -10.60
C GLY A 87 2.06 7.87 -10.45
N LYS A 88 3.20 7.94 -9.81
CA LYS A 88 4.13 6.80 -9.67
C LYS A 88 3.95 6.24 -8.25
N LEU A 89 3.64 4.96 -8.20
CA LEU A 89 3.55 4.20 -6.92
C LEU A 89 4.75 3.26 -6.89
N ASP A 90 5.74 3.60 -6.09
CA ASP A 90 6.97 2.81 -5.93
C ASP A 90 6.80 1.78 -4.79
N SER A 91 6.09 2.13 -3.72
CA SER A 91 6.06 1.31 -2.53
C SER A 91 4.75 1.40 -1.76
N ILE A 92 4.43 0.32 -1.05
CA ILE A 92 3.32 0.25 -0.06
C ILE A 92 3.93 -0.33 1.22
N ALA A 93 3.77 0.37 2.33
CA ALA A 93 4.18 -0.09 3.66
C ALA A 93 2.93 -0.30 4.51
N LEU A 94 2.85 -1.44 5.17
CA LEU A 94 1.66 -1.83 5.96
C LEU A 94 2.09 -2.12 7.39
N GLY A 95 1.31 -1.66 8.33
CA GLY A 95 1.58 -1.99 9.72
C GLY A 95 0.63 -1.25 10.62
N ASP A 96 1.12 -0.97 11.82
CA ASP A 96 0.34 -0.27 12.84
C ASP A 96 1.07 1.04 13.19
N THR A 97 0.28 1.97 13.71
CA THR A 97 0.78 3.16 14.45
C THR A 97 1.50 4.15 13.51
N LEU A 98 0.72 4.86 12.73
CA LEU A 98 1.26 5.94 11.89
C LEU A 98 1.79 7.08 12.74
N THR A 99 2.97 7.54 12.37
CA THR A 99 3.65 8.69 13.00
C THR A 99 4.12 9.65 11.90
N GLY A 100 4.42 10.84 12.31
CA GLY A 100 4.95 11.86 11.42
C GLY A 100 3.94 12.49 10.50
N GLY A 101 4.45 12.97 9.39
CA GLY A 101 3.67 13.75 8.43
C GLY A 101 4.55 14.77 7.81
N ALA A 102 3.96 15.69 7.07
CA ALA A 102 4.70 16.70 6.30
C ALA A 102 5.59 17.50 7.24
N SER A 103 5.10 17.89 8.42
CA SER A 103 5.89 18.80 9.28
C SER A 103 7.09 18.06 9.89
N SER A 104 7.09 16.71 9.89
CA SER A 104 8.23 15.90 10.38
C SER A 104 9.17 15.52 9.24
N GLY A 105 8.84 15.86 7.99
CA GLY A 105 9.60 15.48 6.80
C GLY A 105 9.27 14.06 6.34
N GLY A 106 8.21 13.50 6.86
CA GLY A 106 7.78 12.19 6.40
C GLY A 106 6.90 11.43 7.38
N TYR A 107 6.07 10.55 6.83
CA TYR A 107 5.34 9.55 7.61
C TYR A 107 6.21 8.34 7.85
N ALA A 108 5.90 7.65 8.96
CA ALA A 108 6.50 6.34 9.30
C ALA A 108 5.48 5.52 10.06
N LEU A 109 5.70 4.23 10.08
CA LEU A 109 4.94 3.33 10.94
C LEU A 109 5.81 2.93 12.13
N ASP A 110 5.28 3.03 13.34
N ASP A 110 5.28 3.01 13.34
CA ASP A 110 5.98 2.57 14.57
CA ASP A 110 6.04 2.65 14.56
C ASP A 110 6.11 1.06 14.55
C ASP A 110 6.25 1.14 14.59
N SER A 111 5.12 0.35 14.00
N SER A 111 5.32 0.39 13.95
CA SER A 111 5.19 -1.11 13.79
CA SER A 111 5.31 -1.09 13.90
C SER A 111 4.96 -1.42 12.32
C SER A 111 5.05 -1.56 12.45
N GLN A 112 6.00 -1.30 11.54
CA GLN A 112 5.93 -1.71 10.11
C GLN A 112 6.03 -3.23 10.04
N GLU A 113 5.10 -3.87 9.37
CA GLU A 113 5.04 -5.33 9.28
C GLU A 113 5.63 -5.80 7.96
N VAL A 114 5.19 -5.16 6.87
N VAL A 114 5.13 -5.22 6.88
CA VAL A 114 5.51 -5.63 5.49
CA VAL A 114 5.63 -5.57 5.52
C VAL A 114 5.59 -4.41 4.58
C VAL A 114 5.76 -4.29 4.72
N SER A 115 6.64 -4.34 3.75
CA SER A 115 6.68 -3.35 2.65
C SER A 115 6.98 -4.04 1.32
N PHE A 116 6.33 -3.51 0.31
CA PHE A 116 6.49 -3.90 -1.10
C PHE A 116 7.05 -2.69 -1.78
N SER A 117 8.24 -2.86 -2.36
N SER A 117 8.25 -2.82 -2.36
CA SER A 117 9.03 -1.78 -2.99
CA SER A 117 8.91 -1.70 -3.04
C SER A 117 9.39 -2.11 -4.44
C SER A 117 9.40 -2.11 -4.42
N ASN A 118 9.86 -1.13 -5.19
CA ASN A 118 10.16 -1.31 -6.63
C ASN A 118 8.92 -1.81 -7.37
N LEU A 119 7.75 -1.25 -7.03
CA LEU A 119 6.50 -1.70 -7.69
C LEU A 119 6.46 -1.24 -9.15
N GLY A 120 7.09 -0.11 -9.44
CA GLY A 120 7.18 0.38 -10.83
C GLY A 120 5.84 0.73 -11.44
N LEU A 121 4.86 1.04 -10.60
CA LEU A 121 3.51 1.38 -11.12
C LEU A 121 3.46 2.87 -11.45
N ASP A 122 2.89 3.19 -12.63
CA ASP A 122 2.84 4.59 -13.09
C ASP A 122 1.53 4.76 -13.84
N SER A 123 0.58 5.51 -13.26
CA SER A 123 -0.75 5.65 -13.85
C SER A 123 -0.91 7.09 -14.24
N PRO A 124 -1.21 7.37 -15.51
CA PRO A 124 -1.40 8.74 -15.95
C PRO A 124 -2.75 9.29 -15.48
N ILE A 125 -2.82 10.62 -15.42
CA ILE A 125 -4.05 11.30 -14.96
C ILE A 125 -5.20 10.90 -15.86
N ALA A 126 -4.96 10.67 -17.15
CA ALA A 126 -6.05 10.46 -18.14
C ALA A 126 -6.86 9.19 -17.85
N GLN A 127 -6.26 8.21 -17.16
CA GLN A 127 -7.03 6.99 -16.82
C GLN A 127 -8.00 7.24 -15.68
N GLY A 128 -7.92 8.38 -14.98
CA GLY A 128 -8.89 8.60 -13.88
C GLY A 128 -8.90 7.45 -12.88
N ARG A 129 -10.08 7.12 -12.37
CA ARG A 129 -10.20 6.14 -11.25
C ARG A 129 -10.06 4.72 -11.80
N ASP A 130 -9.86 4.60 -13.11
CA ASP A 130 -9.57 3.29 -13.73
C ASP A 130 -8.05 3.00 -13.73
N GLY A 131 -7.24 3.95 -13.29
CA GLY A 131 -5.81 3.77 -13.21
C GLY A 131 -5.46 2.74 -12.16
N THR A 132 -4.40 1.99 -12.39
CA THR A 132 -4.01 0.93 -11.48
C THR A 132 -3.61 1.56 -10.13
N VAL A 133 -2.87 2.66 -10.12
CA VAL A 133 -2.44 3.28 -8.83
C VAL A 133 -3.68 3.62 -8.00
N HIS A 134 -4.68 4.22 -8.62
CA HIS A 134 -5.91 4.61 -7.90
C HIS A 134 -6.55 3.34 -7.33
N LYS A 135 -6.76 2.32 -8.16
CA LYS A 135 -7.46 1.07 -7.74
C LYS A 135 -6.71 0.42 -6.58
N VAL A 136 -5.39 0.39 -6.63
CA VAL A 136 -4.55 -0.24 -5.57
C VAL A 136 -4.84 0.50 -4.27
N VAL A 137 -4.69 1.82 -4.30
CA VAL A 137 -4.74 2.59 -3.04
C VAL A 137 -6.17 2.66 -2.52
N TYR A 138 -7.14 2.93 -3.41
CA TYR A 138 -8.55 3.00 -3.00
C TYR A 138 -8.98 1.63 -2.44
N GLY A 139 -8.47 0.55 -2.97
CA GLY A 139 -8.76 -0.79 -2.43
C GLY A 139 -8.35 -0.83 -0.98
N LEU A 140 -7.14 -0.39 -0.67
CA LEU A 140 -6.66 -0.46 0.72
C LEU A 140 -7.50 0.47 1.61
N MET A 141 -7.92 1.61 1.12
CA MET A 141 -8.77 2.54 1.88
C MET A 141 -10.12 1.93 2.21
N SER A 142 -10.56 1.00 1.37
N SER A 142 -10.54 0.95 1.41
CA SER A 142 -11.96 0.50 1.30
CA SER A 142 -11.94 0.48 1.31
C SER A 142 -12.01 -1.01 1.61
C SER A 142 -12.09 -0.95 1.81
N GLY A 143 -11.06 -1.55 2.40
CA GLY A 143 -11.19 -2.93 2.92
C GLY A 143 -11.03 -4.01 1.90
N ASP A 144 -10.35 -3.74 0.80
CA ASP A 144 -10.27 -4.70 -0.32
C ASP A 144 -8.87 -4.66 -0.93
N SER A 145 -8.03 -5.62 -0.59
CA SER A 145 -6.64 -5.68 -1.11
C SER A 145 -6.53 -6.37 -2.48
N SER A 146 -7.65 -6.72 -3.10
N SER A 146 -7.63 -6.66 -3.17
CA SER A 146 -7.67 -7.42 -4.41
CA SER A 146 -7.60 -7.47 -4.41
C SER A 146 -6.66 -6.77 -5.37
C SER A 146 -6.77 -6.79 -5.52
N ALA A 147 -6.83 -5.48 -5.66
CA ALA A 147 -6.04 -4.84 -6.72
C ALA A 147 -4.54 -4.92 -6.36
N LEU A 148 -4.17 -4.64 -5.10
CA LEU A 148 -2.76 -4.74 -4.69
C LEU A 148 -2.30 -6.19 -4.91
N GLN A 149 -3.08 -7.17 -4.48
CA GLN A 149 -2.71 -8.60 -4.64
C GLN A 149 -2.44 -8.87 -6.12
N GLY A 150 -3.29 -8.38 -7.03
CA GLY A 150 -3.12 -8.68 -8.46
C GLY A 150 -1.82 -8.08 -9.00
N GLN A 151 -1.44 -6.91 -8.52
CA GLN A 151 -0.19 -6.26 -9.01
C GLN A 151 1.04 -6.94 -8.43
N ILE A 152 0.99 -7.33 -7.15
N ILE A 152 0.97 -7.34 -7.15
CA ILE A 152 2.13 -8.07 -6.57
CA ILE A 152 2.09 -8.07 -6.52
C ILE A 152 2.26 -9.40 -7.32
C ILE A 152 2.25 -9.42 -7.22
N ASP A 153 1.13 -10.06 -7.58
CA ASP A 153 1.16 -11.39 -8.22
C ASP A 153 1.86 -11.24 -9.58
N ALA A 154 1.50 -10.22 -10.35
CA ALA A 154 2.10 -10.00 -11.69
C ALA A 154 3.58 -9.67 -11.56
N LEU A 155 3.97 -8.82 -10.60
CA LEU A 155 5.38 -8.47 -10.43
C LEU A 155 6.19 -9.70 -10.04
N LEU A 156 5.70 -10.53 -9.13
CA LEU A 156 6.44 -11.75 -8.73
C LEU A 156 6.58 -12.67 -9.94
N LYS A 157 5.50 -12.90 -10.69
CA LYS A 157 5.55 -13.84 -11.84
C LYS A 157 6.52 -13.34 -12.93
N ALA A 158 6.68 -12.03 -13.04
CA ALA A 158 7.59 -11.40 -14.02
C ALA A 158 9.04 -11.73 -13.63
N VAL A 159 9.37 -11.78 -12.33
CA VAL A 159 10.70 -12.20 -11.84
C VAL A 159 10.85 -13.68 -12.14
N ASP A 160 9.87 -14.50 -11.76
CA ASP A 160 9.86 -15.95 -12.09
C ASP A 160 8.46 -16.51 -11.97
N PRO A 161 7.95 -17.29 -12.96
CA PRO A 161 6.57 -17.76 -12.94
C PRO A 161 6.21 -18.69 -11.77
N SER A 162 7.22 -19.18 -11.04
CA SER A 162 7.01 -20.06 -9.87
C SER A 162 6.67 -19.24 -8.63
N LEU A 163 6.87 -17.92 -8.64
CA LEU A 163 6.65 -17.09 -7.45
C LEU A 163 5.27 -16.48 -7.62
N SER A 164 4.56 -16.33 -6.51
CA SER A 164 3.20 -15.78 -6.64
C SER A 164 2.75 -15.27 -5.29
N ILE A 165 1.54 -14.74 -5.24
CA ILE A 165 1.04 -14.29 -3.92
C ILE A 165 0.69 -15.48 -3.04
N ASN A 166 0.68 -16.70 -3.59
CA ASN A 166 0.53 -17.89 -2.73
C ASN A 166 1.88 -18.38 -2.16
N SER A 167 3.00 -17.77 -2.51
CA SER A 167 4.30 -18.03 -1.87
C SER A 167 4.27 -17.46 -0.43
N THR A 168 4.97 -18.09 0.49
CA THR A 168 5.22 -17.51 1.79
C THR A 168 6.32 -16.47 1.72
N PHE A 169 6.39 -15.61 2.71
CA PHE A 169 7.48 -14.60 2.76
C PHE A 169 8.82 -15.31 2.82
N ASP A 170 8.94 -16.34 3.64
CA ASP A 170 10.22 -17.09 3.73
C ASP A 170 10.58 -17.70 2.36
N GLN A 171 9.63 -18.22 1.59
CA GLN A 171 9.91 -18.76 0.23
C GLN A 171 10.40 -17.64 -0.71
N LEU A 172 9.83 -16.44 -0.56
CA LEU A 172 10.22 -15.29 -1.38
C LEU A 172 11.61 -14.80 -0.94
N ALA A 173 11.98 -14.94 0.32
CA ALA A 173 13.34 -14.60 0.80
C ALA A 173 14.31 -15.64 0.22
N ALA A 174 13.99 -16.92 0.28
CA ALA A 174 14.86 -17.92 -0.37
C ALA A 174 15.06 -17.59 -1.87
N ALA A 175 14.02 -17.13 -2.57
CA ALA A 175 14.01 -16.86 -4.03
C ALA A 175 14.83 -15.59 -4.35
N GLY A 176 15.16 -14.76 -3.35
CA GLY A 176 15.97 -13.55 -3.45
C GLY A 176 15.18 -12.26 -3.68
N VAL A 177 13.87 -12.27 -3.47
N VAL A 177 13.87 -12.30 -3.48
CA VAL A 177 13.02 -11.06 -3.69
CA VAL A 177 12.95 -11.14 -3.67
C VAL A 177 12.53 -10.50 -2.36
C VAL A 177 12.71 -10.44 -2.33
N ALA A 178 12.72 -11.18 -1.25
CA ALA A 178 12.31 -10.64 0.06
C ALA A 178 13.44 -10.73 1.08
N HIS A 179 13.26 -10.02 2.18
N HIS A 179 13.41 -9.83 2.07
CA HIS A 179 14.30 -9.83 3.22
CA HIS A 179 14.31 -9.87 3.25
C HIS A 179 13.57 -9.70 4.56
C HIS A 179 13.46 -9.81 4.51
N ALA A 180 13.88 -10.59 5.51
CA ALA A 180 13.25 -10.58 6.86
C ALA A 180 13.86 -9.47 7.71
N THR A 181 13.04 -8.88 8.59
CA THR A 181 13.51 -7.94 9.66
C THR A 181 13.14 -8.54 11.01
N PRO A 182 14.05 -8.41 12.01
CA PRO A 182 13.80 -8.97 13.34
C PRO A 182 12.49 -8.42 13.95
N ALA A 183 11.70 -9.28 14.58
CA ALA A 183 10.52 -8.87 15.36
C ALA A 183 10.92 -8.67 16.83
#